data_5HDW
#
_entry.id   5HDW
#
_cell.length_a   30.477
_cell.length_b   96.813
_cell.length_c   40.517
_cell.angle_alpha   90.00
_cell.angle_beta   90.00
_cell.angle_gamma   90.00
#
_symmetry.space_group_name_H-M   'P 21 21 2'
#
loop_
_entity.id
_entity.type
_entity.pdbx_description
1 polymer 'F-box only protein 3'
2 water water
#
_entity_poly.entity_id   1
_entity_poly.type   'polypeptide(L)'
_entity_poly.pdbx_seq_one_letter_code
;SEFVATTGDITVSVSTSFLPELSSVHPPHYFFTYRIRIEMSKDALPEKACQLDSRYWRITNAKGDVEEVQGPGVVGEFPI
ISPGRVYEYTSCTTFSTTSGYMEGYYTFHFLYFKDKIFNVAIPRFHMACPTFR
;
_entity_poly.pdbx_strand_id   A
#
# COMPACT_ATOMS: atom_id res chain seq x y z
N SER A 1 11.82 1.47 -7.20
CA SER A 1 12.31 2.40 -6.21
C SER A 1 11.58 2.16 -4.92
N GLU A 2 11.91 2.88 -3.87
CA GLU A 2 11.42 2.56 -2.56
C GLU A 2 10.84 3.73 -1.80
N PHE A 3 9.63 3.59 -1.30
CA PHE A 3 8.93 4.65 -0.60
C PHE A 3 8.49 4.18 0.78
N VAL A 4 8.51 5.07 1.76
CA VAL A 4 8.23 4.66 3.11
C VAL A 4 7.48 5.69 3.92
N ALA A 5 6.57 5.22 4.76
CA ALA A 5 5.88 6.08 5.67
C ALA A 5 5.70 5.34 6.95
N THR A 6 5.90 6.02 8.05
CA THR A 6 5.72 5.39 9.35
C THR A 6 4.62 6.10 10.14
N THR A 7 3.78 5.30 10.80
CA THR A 7 2.74 5.80 11.68
C THR A 7 2.85 5.09 13.03
N GLY A 8 3.16 5.83 14.09
CA GLY A 8 3.35 5.23 15.40
C GLY A 8 4.50 4.25 15.35
N ASP A 9 4.23 3.03 15.72
CA ASP A 9 5.23 2.01 15.65
C ASP A 9 5.15 1.19 14.40
N ILE A 10 4.39 1.67 13.43
CA ILE A 10 4.22 0.93 12.19
C ILE A 10 4.75 1.62 10.95
N THR A 11 5.49 0.88 10.17
CA THR A 11 6.05 1.42 8.97
C THR A 11 5.53 0.67 7.75
N VAL A 12 5.16 1.42 6.74
CA VAL A 12 4.72 0.83 5.47
C VAL A 12 5.74 1.17 4.40
N SER A 13 6.31 0.13 3.78
CA SER A 13 7.29 0.32 2.73
C SER A 13 6.75 -0.21 1.40
N VAL A 14 6.97 0.56 0.35
CA VAL A 14 6.52 0.18 -0.99
C VAL A 14 7.68 0.17 -1.97
N SER A 15 7.87 -0.97 -2.63
CA SER A 15 8.81 -1.06 -3.75
C SER A 15 7.99 -1.23 -5.01
N THR A 16 8.35 -0.50 -6.05
CA THR A 16 7.63 -0.58 -7.31
C THR A 16 8.52 -1.17 -8.40
N SER A 17 7.89 -1.62 -9.47
CA SER A 17 8.60 -2.16 -10.61
C SER A 17 7.78 -1.92 -11.86
N PHE A 18 8.43 -1.44 -12.92
CA PHE A 18 7.81 -1.32 -14.21
C PHE A 18 7.99 -2.65 -14.96
N LEU A 19 6.91 -3.17 -15.55
CA LEU A 19 7.00 -4.40 -16.34
C LEU A 19 6.75 -4.15 -17.83
N PRO A 20 7.81 -3.85 -18.59
CA PRO A 20 7.78 -3.49 -20.02
C PRO A 20 7.12 -4.55 -20.91
N GLU A 21 7.24 -5.82 -20.54
CA GLU A 21 6.68 -6.91 -21.34
C GLU A 21 5.16 -6.86 -21.38
N LEU A 22 4.58 -6.27 -20.35
CA LEU A 22 3.14 -6.11 -20.30
C LEU A 22 2.71 -4.69 -20.63
N SER A 23 3.65 -3.84 -21.02
CA SER A 23 3.37 -2.43 -21.27
C SER A 23 3.48 -2.03 -22.73
N SER A 24 2.48 -1.30 -23.20
CA SER A 24 2.49 -0.81 -24.57
C SER A 24 2.33 0.70 -24.60
N VAL A 25 2.76 1.32 -25.69
CA VAL A 25 2.57 2.75 -25.86
C VAL A 25 1.28 3.03 -26.61
N HIS A 26 0.84 2.05 -27.38
CA HIS A 26 -0.50 2.09 -27.98
C HIS A 26 -1.10 0.69 -28.14
N PRO A 27 -2.29 0.47 -27.54
CA PRO A 27 -3.00 1.42 -26.67
C PRO A 27 -2.15 1.67 -25.43
N PRO A 28 -2.28 2.86 -24.82
CA PRO A 28 -1.43 3.27 -23.69
C PRO A 28 -1.74 2.41 -22.48
N HIS A 29 -0.86 1.46 -22.16
CA HIS A 29 -1.09 0.56 -21.03
C HIS A 29 0.21 0.38 -20.28
N TYR A 30 0.35 1.02 -19.13
CA TYR A 30 1.62 0.98 -18.42
C TYR A 30 1.47 0.23 -17.10
N PHE A 31 2.04 -0.96 -17.09
CA PHE A 31 1.87 -1.94 -16.03
C PHE A 31 2.90 -1.87 -14.98
N PHE A 32 2.48 -1.70 -13.75
CA PHE A 32 3.43 -1.65 -12.64
C PHE A 32 3.01 -2.66 -11.58
N THR A 33 3.98 -3.31 -10.96
CA THR A 33 3.70 -4.07 -9.75
C THR A 33 4.23 -3.28 -8.59
N TYR A 34 3.73 -3.58 -7.41
CA TYR A 34 4.23 -2.93 -6.23
C TYR A 34 4.22 -3.96 -5.11
N ARG A 35 5.19 -3.91 -4.26
CA ARG A 35 5.27 -4.80 -3.16
C ARG A 35 5.21 -3.98 -1.91
N ILE A 36 4.32 -4.36 -1.03
CA ILE A 36 4.10 -3.64 0.17
C ILE A 36 4.57 -4.36 1.41
N ARG A 37 5.25 -3.65 2.27
CA ARG A 37 5.75 -4.24 3.47
C ARG A 37 5.19 -3.46 4.64
N ILE A 38 4.45 -4.15 5.50
CA ILE A 38 3.92 -3.56 6.72
C ILE A 38 4.62 -4.16 7.92
N GLU A 39 5.27 -3.33 8.71
CA GLU A 39 6.07 -3.85 9.81
C GLU A 39 5.91 -3.02 11.08
N MET A 40 6.03 -3.70 12.23
CA MET A 40 5.97 -3.04 13.51
C MET A 40 7.30 -3.26 14.22
N SER A 41 7.84 -2.20 14.81
CA SER A 41 9.16 -2.29 15.42
C SER A 41 9.20 -3.32 16.54
N LYS A 42 10.39 -3.84 16.77
CA LYS A 42 10.62 -4.84 17.82
C LYS A 42 10.37 -4.26 19.21
N ASP A 43 10.52 -2.96 19.35
CA ASP A 43 10.51 -2.33 20.67
C ASP A 43 9.11 -1.95 21.13
N ALA A 44 8.11 -2.22 20.28
CA ALA A 44 6.74 -1.89 20.60
C ALA A 44 6.15 -2.85 21.65
N LEU A 45 5.21 -2.35 22.43
CA LEU A 45 4.55 -3.17 23.44
C LEU A 45 3.67 -4.23 22.78
N PRO A 46 3.69 -5.45 23.31
CA PRO A 46 2.86 -6.51 22.73
C PRO A 46 1.37 -6.16 22.82
N GLU A 47 1.03 -5.16 23.60
CA GLU A 47 -0.34 -4.72 23.70
C GLU A 47 -0.80 -4.07 22.43
N LYS A 48 0.13 -3.46 21.71
CA LYS A 48 -0.23 -2.72 20.52
C LYS A 48 -0.59 -3.60 19.35
N ALA A 49 -0.56 -4.89 19.54
CA ALA A 49 -0.91 -5.82 18.47
C ALA A 49 -2.20 -5.37 17.81
N CYS A 50 -2.23 -5.41 16.48
CA CYS A 50 -3.36 -4.86 15.77
C CYS A 50 -3.65 -5.66 14.51
N GLN A 51 -4.88 -5.54 14.02
CA GLN A 51 -5.29 -6.33 12.88
C GLN A 51 -5.83 -5.50 11.77
N LEU A 52 -5.33 -5.70 10.57
CA LEU A 52 -5.75 -4.97 9.40
C LEU A 52 -7.19 -5.23 9.02
N ASP A 53 -8.01 -4.20 8.96
CA ASP A 53 -9.43 -4.32 8.63
C ASP A 53 -9.67 -4.06 7.15
N SER A 54 -9.13 -2.97 6.64
CA SER A 54 -9.53 -2.52 5.33
C SER A 54 -8.50 -1.58 4.71
N ARG A 55 -8.68 -1.27 3.44
CA ARG A 55 -7.71 -0.44 2.71
C ARG A 55 -8.48 0.66 1.99
N TYR A 56 -7.80 1.76 1.71
CA TYR A 56 -8.34 2.86 0.93
C TYR A 56 -7.25 3.32 0.01
N TRP A 57 -7.50 3.29 -1.29
CA TRP A 57 -6.52 3.75 -2.30
C TRP A 57 -7.08 4.91 -3.07
N ARG A 58 -6.25 5.91 -3.30
CA ARG A 58 -6.55 6.97 -4.27
C ARG A 58 -5.49 6.84 -5.37
N ILE A 59 -5.93 6.54 -6.59
CA ILE A 59 -5.03 6.28 -7.70
C ILE A 59 -5.18 7.39 -8.75
N THR A 60 -4.06 8.02 -9.12
CA THR A 60 -4.11 9.17 -10.03
C THR A 60 -3.19 8.93 -11.21
N ASN A 61 -3.68 9.13 -12.44
CA ASN A 61 -2.79 9.08 -13.59
C ASN A 61 -2.28 10.46 -14.00
N ALA A 62 -1.53 10.51 -15.10
CA ALA A 62 -0.87 11.75 -15.49
C ALA A 62 -1.78 12.73 -16.24
N LYS A 63 -3.04 12.36 -16.46
CA LYS A 63 -3.95 13.29 -17.12
C LYS A 63 -5.11 13.71 -16.21
N GLY A 64 -4.93 13.50 -14.90
CA GLY A 64 -5.87 14.00 -13.93
C GLY A 64 -7.08 13.14 -13.63
N ASP A 65 -7.17 11.96 -14.23
CA ASP A 65 -8.22 11.02 -13.84
C ASP A 65 -7.87 10.37 -12.51
N VAL A 66 -8.85 10.29 -11.62
CA VAL A 66 -8.65 9.75 -10.29
C VAL A 66 -9.60 8.60 -10.02
N GLU A 67 -9.12 7.60 -9.29
CA GLU A 67 -9.97 6.49 -8.92
C GLU A 67 -9.81 6.24 -7.42
N GLU A 68 -10.91 5.96 -6.76
CA GLU A 68 -10.87 5.55 -5.36
C GLU A 68 -11.17 4.07 -5.28
N VAL A 69 -10.34 3.34 -4.54
CA VAL A 69 -10.61 1.93 -4.24
C VAL A 69 -10.66 1.73 -2.73
N GLN A 70 -11.68 1.08 -2.29
CA GLN A 70 -11.87 0.85 -0.90
C GLN A 70 -12.48 -0.54 -0.74
N GLY A 71 -11.99 -1.26 0.24
CA GLY A 71 -12.57 -2.56 0.55
C GLY A 71 -11.90 -3.24 1.73
N PRO A 72 -12.52 -4.34 2.20
CA PRO A 72 -12.02 -5.16 3.31
C PRO A 72 -10.73 -5.90 2.94
N GLY A 73 -9.74 -5.86 3.83
CA GLY A 73 -8.56 -6.70 3.71
C GLY A 73 -7.56 -6.25 2.68
N VAL A 74 -6.50 -7.04 2.54
CA VAL A 74 -5.54 -6.88 1.44
C VAL A 74 -5.35 -8.23 0.79
N VAL A 75 -5.67 -8.30 -0.51
CA VAL A 75 -5.62 -9.54 -1.29
C VAL A 75 -6.32 -10.66 -0.50
N GLY A 76 -7.46 -10.31 0.08
CA GLY A 76 -8.32 -11.28 0.75
C GLY A 76 -7.89 -11.66 2.16
N GLU A 77 -6.91 -10.95 2.70
CA GLU A 77 -6.40 -11.34 4.00
C GLU A 77 -6.51 -10.21 5.01
N PHE A 78 -6.47 -10.58 6.29
CA PHE A 78 -6.65 -9.65 7.40
C PHE A 78 -5.56 -9.91 8.44
N PRO A 79 -4.31 -9.57 8.08
CA PRO A 79 -3.15 -9.96 8.89
C PRO A 79 -3.04 -9.27 10.21
N ILE A 80 -2.40 -9.93 11.14
CA ILE A 80 -2.19 -9.36 12.43
C ILE A 80 -0.78 -8.89 12.52
N ILE A 81 -0.59 -7.66 12.91
CA ILE A 81 0.74 -7.12 13.07
C ILE A 81 1.05 -6.93 14.55
N SER A 82 2.16 -7.52 14.99
CA SER A 82 2.59 -7.46 16.38
C SER A 82 4.07 -7.13 16.36
N PRO A 83 4.67 -6.81 17.53
CA PRO A 83 6.07 -6.34 17.48
C PRO A 83 7.02 -7.31 16.79
N GLY A 84 7.77 -6.80 15.81
CA GLY A 84 8.76 -7.60 15.11
C GLY A 84 8.22 -8.32 13.89
N ARG A 85 6.92 -8.35 13.72
CA ARG A 85 6.35 -9.02 12.58
C ARG A 85 6.24 -8.19 11.32
N VAL A 86 6.49 -8.84 10.21
CA VAL A 86 6.36 -8.21 8.91
C VAL A 86 5.36 -8.89 8.01
N TYR A 87 4.38 -8.15 7.51
CA TYR A 87 3.49 -8.71 6.49
C TYR A 87 3.85 -8.12 5.13
N GLU A 88 4.04 -8.97 4.14
CA GLU A 88 4.37 -8.51 2.77
C GLU A 88 3.35 -9.02 1.75
N TYR A 89 2.91 -8.17 0.84
CA TYR A 89 2.11 -8.69 -0.25
C TYR A 89 2.39 -7.90 -1.51
N THR A 90 1.96 -8.42 -2.63
CA THR A 90 2.22 -7.87 -3.92
C THR A 90 0.95 -7.63 -4.69
N SER A 91 0.89 -6.53 -5.41
CA SER A 91 -0.26 -6.29 -6.23
C SER A 91 0.18 -5.54 -7.46
N CYS A 92 -0.77 -5.19 -8.30
CA CYS A 92 -0.40 -4.53 -9.54
C CYS A 92 -1.41 -3.45 -9.88
N THR A 93 -1.08 -2.65 -10.87
CA THR A 93 -1.95 -1.55 -11.24
C THR A 93 -1.56 -1.15 -12.64
N THR A 94 -2.51 -0.58 -13.37
CA THR A 94 -2.27 -0.17 -14.75
C THR A 94 -2.62 1.30 -14.90
N PHE A 95 -1.84 2.02 -15.68
CA PHE A 95 -2.13 3.42 -16.01
C PHE A 95 -2.25 3.60 -17.50
N SER A 96 -3.09 4.54 -17.94
CA SER A 96 -3.20 4.85 -19.36
C SER A 96 -2.22 5.96 -19.72
N THR A 97 -1.32 6.24 -18.79
CA THR A 97 -0.30 7.27 -18.94
C THR A 97 1.04 6.70 -18.55
N THR A 98 2.13 7.39 -18.91
CA THR A 98 3.47 6.89 -18.62
C THR A 98 3.81 6.99 -17.13
N SER A 99 2.99 7.74 -16.39
CA SER A 99 3.15 7.81 -14.93
C SER A 99 1.81 7.84 -14.21
N GLY A 100 1.88 7.62 -12.90
CA GLY A 100 0.71 7.73 -12.06
C GLY A 100 1.23 7.66 -10.65
N TYR A 101 0.36 7.94 -9.69
CA TYR A 101 0.79 7.74 -8.34
C TYR A 101 -0.40 7.24 -7.52
N MET A 102 -0.07 6.70 -6.36
CA MET A 102 -1.03 6.07 -5.48
C MET A 102 -0.75 6.55 -4.08
N GLU A 103 -1.80 6.72 -3.29
CA GLU A 103 -1.64 6.95 -1.88
C GLU A 103 -2.89 6.44 -1.19
N GLY A 104 -2.82 6.31 0.12
CA GLY A 104 -4.02 5.97 0.86
C GLY A 104 -3.63 5.54 2.23
N TYR A 105 -4.40 4.62 2.80
CA TYR A 105 -4.13 4.16 4.13
C TYR A 105 -4.80 2.82 4.41
N TYR A 106 -4.29 2.15 5.43
CA TYR A 106 -4.90 0.92 5.92
C TYR A 106 -5.62 1.24 7.22
N THR A 107 -6.78 0.62 7.42
CA THR A 107 -7.44 0.77 8.70
C THR A 107 -7.26 -0.44 9.59
N PHE A 108 -6.67 -0.20 10.76
CA PHE A 108 -6.30 -1.23 11.71
C PHE A 108 -7.19 -1.09 12.95
N HIS A 109 -7.41 -2.21 13.66
CA HIS A 109 -7.97 -2.12 15.00
C HIS A 109 -7.06 -2.83 16.00
N PHE A 110 -7.04 -2.38 17.23
CA PHE A 110 -6.24 -3.03 18.24
C PHE A 110 -6.93 -4.31 18.69
N LEU A 111 -6.19 -5.38 18.83
CA LEU A 111 -6.74 -6.65 19.26
C LEU A 111 -7.10 -6.61 20.73
N TYR A 112 -6.35 -5.87 21.50
CA TYR A 112 -6.53 -5.89 22.92
C TYR A 112 -7.01 -4.57 23.49
N PHE A 113 -7.48 -3.70 22.62
CA PHE A 113 -8.18 -2.51 23.06
C PHE A 113 -9.53 -2.39 22.37
N LYS A 114 -10.57 -2.36 23.20
CA LYS A 114 -11.96 -2.38 22.78
C LYS A 114 -12.26 -1.18 21.89
N ASP A 115 -12.55 -1.45 20.62
CA ASP A 115 -13.01 -0.45 19.67
C ASP A 115 -12.03 0.71 19.42
N LYS A 116 -10.76 0.48 19.61
CA LYS A 116 -9.78 1.46 19.21
C LYS A 116 -9.36 1.12 17.79
N ILE A 117 -9.69 1.99 16.88
CA ILE A 117 -9.43 1.82 15.45
C ILE A 117 -8.60 3.01 14.96
N PHE A 118 -7.72 2.80 14.00
CA PHE A 118 -6.85 3.89 13.55
C PHE A 118 -6.34 3.64 12.13
N ASN A 119 -5.91 4.71 11.47
CA ASN A 119 -5.46 4.57 10.10
C ASN A 119 -3.96 4.67 10.04
N VAL A 120 -3.38 3.89 9.14
CA VAL A 120 -1.94 3.86 8.96
C VAL A 120 -1.67 4.31 7.55
N ALA A 121 -0.83 5.33 7.40
CA ALA A 121 -0.58 5.92 6.09
C ALA A 121 0.21 5.00 5.17
N ILE A 122 -0.21 4.93 3.91
CA ILE A 122 0.58 4.32 2.85
C ILE A 122 1.27 5.48 2.19
N PRO A 123 2.60 5.43 2.02
CA PRO A 123 3.27 6.61 1.46
C PRO A 123 2.78 6.84 0.05
N ARG A 124 2.78 8.09 -0.38
CA ARG A 124 2.52 8.34 -1.78
C ARG A 124 3.71 7.78 -2.52
N PHE A 125 3.44 6.97 -3.52
CA PHE A 125 4.51 6.51 -4.35
C PHE A 125 4.14 6.72 -5.79
N HIS A 126 5.14 7.18 -6.54
CA HIS A 126 4.99 7.45 -7.94
C HIS A 126 5.51 6.30 -8.71
N MET A 127 4.86 6.00 -9.81
CA MET A 127 5.32 5.04 -10.75
C MET A 127 5.49 5.78 -12.08
N ALA A 128 6.65 5.66 -12.66
CA ALA A 128 6.93 6.35 -13.89
C ALA A 128 7.76 5.50 -14.83
N CYS A 129 7.38 5.44 -16.10
CA CYS A 129 8.16 4.65 -17.06
C CYS A 129 9.22 5.54 -17.70
N PRO A 130 10.49 5.13 -17.65
CA PRO A 130 11.52 6.05 -18.16
C PRO A 130 11.16 6.48 -19.58
N THR A 131 10.99 5.51 -20.46
CA THR A 131 10.64 5.79 -21.83
C THR A 131 9.32 6.54 -21.83
#